data_5E6T
#
_entry.id   5E6T
#
_cell.length_a   112.920
_cell.length_b   63.860
_cell.length_c   87.560
_cell.angle_alpha   90.000
_cell.angle_beta   115.060
_cell.angle_gamma   90.000
#
_symmetry.space_group_name_H-M   'C 1 2 1'
#
loop_
_entity.id
_entity.type
_entity.pdbx_description
1 polymer Capsid
2 non-polymer 'ZINC ION'
3 water water
#
_entity_poly.entity_id   1
_entity_poly.type   'polypeptide(L)'
_entity_poly.pdbx_seq_one_letter_code
;GSPPFTLPNLPVNNLSHSRVMEPIAQMMSSRNFPASVQFQNGRCTLSGDLLGTTPSSPSDLGAFVGLIAEPGSRVVELSQ
PNQEDFHAGSAPAPFGFPDFSDCSLTFVVASATTVGERTVNARSPQNFTPALGHITFDEEAPADLFRAHLRNLWDPTEHS
FWRIPDYRADVLGSEFAPSVSAPGVGETLLFFMCNVPRLNGANPNPCPCLLPQEWITHFVSERAALQSDVALLNYVNPNT
GRVLFEAKLYANGFLTVNLGASDQATLPVDGIFKFVSWVSFYYQLRPV
;
_entity_poly.pdbx_strand_id   A,B
#
# COMPACT_ATOMS: atom_id res chain seq x y z
N GLY A 1 -10.25 -13.69 -26.07
CA GLY A 1 -9.66 -14.36 -24.93
C GLY A 1 -9.73 -13.53 -23.66
N SER A 2 -10.17 -12.28 -23.81
CA SER A 2 -10.29 -11.38 -22.67
C SER A 2 -11.34 -11.87 -21.68
N PRO A 3 -11.00 -11.85 -20.37
CA PRO A 3 -11.92 -12.27 -19.30
C PRO A 3 -13.06 -11.26 -19.11
N PRO A 4 -14.16 -11.71 -18.49
CA PRO A 4 -15.27 -10.79 -18.19
C PRO A 4 -14.86 -9.78 -17.13
N PHE A 5 -15.55 -8.64 -17.07
CA PHE A 5 -15.21 -7.62 -16.08
C PHE A 5 -15.67 -8.03 -14.69
N THR A 6 -14.78 -7.86 -13.71
CA THR A 6 -15.06 -8.21 -12.33
C THR A 6 -14.51 -7.16 -11.39
N LEU A 7 -15.02 -7.14 -10.15
CA LEU A 7 -14.44 -6.32 -9.10
C LEU A 7 -13.94 -7.21 -7.96
N PRO A 8 -12.96 -6.72 -7.19
CA PRO A 8 -12.53 -7.47 -6.00
C PRO A 8 -13.65 -7.57 -4.98
N ASN A 9 -13.79 -8.73 -4.34
CA ASN A 9 -14.84 -8.92 -3.36
C ASN A 9 -14.40 -8.47 -1.98
N LEU A 10 -14.28 -7.15 -1.82
CA LEU A 10 -13.78 -6.56 -0.59
C LEU A 10 -14.59 -5.33 -0.20
N PRO A 11 -14.87 -5.18 1.11
CA PRO A 11 -15.53 -3.98 1.60
C PRO A 11 -14.64 -2.75 1.46
N VAL A 12 -15.26 -1.57 1.30
CA VAL A 12 -14.51 -0.34 1.06
C VAL A 12 -13.55 0.00 2.19
N ASN A 13 -13.93 -0.33 3.43
CA ASN A 13 -13.06 -0.04 4.57
C ASN A 13 -11.90 -1.01 4.72
N ASN A 14 -11.73 -1.87 3.71
CA ASN A 14 -10.55 -2.72 3.62
C ASN A 14 -9.72 -2.35 2.40
N LEU A 15 -10.15 -1.30 1.70
CA LEU A 15 -9.47 -0.85 0.49
C LEU A 15 -8.55 0.34 0.76
N SER A 16 -7.58 0.53 -0.14
CA SER A 16 -6.57 1.57 0.05
C SER A 16 -6.76 2.75 -0.88
N HIS A 17 -6.42 3.95 -0.37
CA HIS A 17 -6.49 5.17 -1.16
C HIS A 17 -5.51 5.08 -2.33
N SER A 18 -5.79 5.82 -3.41
CA SER A 18 -4.97 5.72 -4.61
C SER A 18 -4.21 7.00 -4.98
N ARG A 19 -4.27 8.01 -4.12
CA ARG A 19 -3.46 9.20 -4.33
C ARG A 19 -2.51 9.42 -3.17
N VAL A 20 -2.74 8.68 -2.08
CA VAL A 20 -1.81 8.63 -0.97
C VAL A 20 -1.89 7.24 -0.33
N MET A 21 -0.79 6.78 0.25
CA MET A 21 -0.78 5.43 0.81
C MET A 21 -1.42 5.41 2.19
N GLU A 22 -2.75 5.40 2.18
CA GLU A 22 -3.55 5.44 3.40
C GLU A 22 -4.79 4.57 3.19
N PRO A 23 -5.37 4.05 4.28
CA PRO A 23 -6.61 3.31 4.10
C PRO A 23 -7.77 4.25 3.81
N ILE A 24 -8.71 3.80 2.99
CA ILE A 24 -9.91 4.58 2.71
C ILE A 24 -10.79 4.64 3.96
N ALA A 25 -11.04 5.86 4.45
CA ALA A 25 -11.79 6.06 5.68
C ALA A 25 -13.24 6.39 5.40
N GLN A 26 -13.48 7.21 4.38
CA GLN A 26 -14.83 7.66 4.07
C GLN A 26 -15.16 7.56 2.59
N MET A 27 -16.44 7.68 2.28
CA MET A 27 -16.93 7.73 0.91
C MET A 27 -17.90 8.90 0.80
N MET A 28 -17.63 9.84 -0.09
CA MET A 28 -18.42 11.06 -0.15
C MET A 28 -18.74 11.52 -1.57
N SER A 29 -19.90 12.16 -1.71
CA SER A 29 -20.30 12.82 -2.93
C SER A 29 -21.02 14.12 -2.56
N SER A 30 -20.82 15.17 -3.35
CA SER A 30 -21.41 16.45 -3.02
C SER A 30 -21.53 17.36 -4.24
N ARG A 31 -22.64 18.09 -4.32
CA ARG A 31 -22.87 19.05 -5.39
C ARG A 31 -21.99 20.28 -5.21
N ASN A 32 -21.41 20.44 -4.02
CA ASN A 32 -20.54 21.57 -3.74
C ASN A 32 -19.05 21.24 -3.90
N PHE A 33 -18.75 19.98 -4.18
CA PHE A 33 -17.41 19.61 -4.61
C PHE A 33 -17.18 20.16 -6.01
N PRO A 34 -15.90 20.36 -6.39
CA PRO A 34 -15.61 20.79 -7.76
C PRO A 34 -16.21 19.84 -8.80
N ALA A 35 -16.80 20.40 -9.84
CA ALA A 35 -17.50 19.61 -10.85
C ALA A 35 -16.53 18.77 -11.67
N SER A 36 -15.31 19.28 -11.85
CA SER A 36 -14.29 18.54 -12.59
C SER A 36 -12.98 18.47 -11.81
N VAL A 37 -12.28 17.35 -11.95
CA VAL A 37 -10.97 17.16 -11.34
C VAL A 37 -10.01 16.54 -12.36
N GLN A 38 -8.72 16.74 -12.15
CA GLN A 38 -7.73 16.19 -13.07
C GLN A 38 -6.58 15.52 -12.33
N PHE A 39 -6.93 14.70 -11.34
CA PHE A 39 -5.95 13.92 -10.59
C PHE A 39 -5.03 13.15 -11.54
N GLN A 40 -3.74 13.10 -11.22
CA GLN A 40 -2.80 12.38 -12.05
C GLN A 40 -2.50 10.99 -11.50
N ASN A 41 -2.73 10.80 -10.20
CA ASN A 41 -2.62 9.48 -9.59
C ASN A 41 -4.00 8.88 -9.35
N GLY A 42 -4.06 7.56 -9.18
CA GLY A 42 -5.33 6.88 -9.01
C GLY A 42 -6.17 6.93 -10.26
N ARG A 43 -5.51 6.91 -11.42
CA ARG A 43 -6.18 6.99 -12.71
C ARG A 43 -5.94 5.72 -13.52
N CYS A 44 -7.02 5.04 -13.85
CA CYS A 44 -6.94 3.79 -14.61
C CYS A 44 -8.27 3.47 -15.27
N THR A 45 -8.22 3.01 -16.52
CA THR A 45 -9.42 2.57 -17.21
C THR A 45 -9.83 1.21 -16.66
N LEU A 46 -11.09 0.83 -16.90
CA LEU A 46 -11.59 -0.46 -16.43
C LEU A 46 -10.89 -1.62 -17.13
N SER A 47 -10.33 -1.35 -18.30
CA SER A 47 -9.60 -2.36 -19.06
C SER A 47 -8.14 -2.47 -18.63
N GLY A 48 -7.77 -1.71 -17.60
CA GLY A 48 -6.45 -1.80 -17.02
C GLY A 48 -5.36 -0.97 -17.69
N ASP A 49 -5.74 0.15 -18.29
CA ASP A 49 -4.76 1.10 -18.81
C ASP A 49 -4.48 2.21 -17.80
N LEU A 50 -3.27 2.24 -17.26
CA LEU A 50 -2.88 3.27 -16.31
C LEU A 50 -2.74 4.63 -16.99
N LEU A 51 -3.17 5.67 -16.30
CA LEU A 51 -3.11 7.02 -16.84
C LEU A 51 -2.31 7.95 -15.93
N GLY A 52 -1.84 9.07 -16.49
CA GLY A 52 -1.12 10.06 -15.72
C GLY A 52 0.15 9.52 -15.09
N THR A 53 0.30 9.75 -13.79
CA THR A 53 1.49 9.35 -13.06
C THR A 53 1.22 8.11 -12.20
N THR A 54 0.08 7.47 -12.42
CA THR A 54 -0.30 6.28 -11.67
C THR A 54 0.75 5.17 -11.79
N PRO A 55 1.39 4.82 -10.67
CA PRO A 55 2.52 3.89 -10.62
C PRO A 55 2.13 2.43 -10.84
N SER A 56 2.94 1.69 -11.59
CA SER A 56 2.74 0.26 -11.80
C SER A 56 2.93 -0.49 -10.48
N SER A 57 3.79 0.06 -9.62
CA SER A 57 3.99 -0.49 -8.29
C SER A 57 3.29 0.40 -7.28
N PRO A 58 2.25 -0.13 -6.61
CA PRO A 58 1.41 0.64 -5.69
C PRO A 58 2.20 1.28 -4.55
N SER A 59 3.27 0.63 -4.11
CA SER A 59 4.09 1.15 -3.03
C SER A 59 4.89 2.38 -3.42
N ASP A 60 4.94 2.68 -4.72
CA ASP A 60 5.61 3.89 -5.19
C ASP A 60 4.71 5.12 -5.09
N LEU A 61 3.47 4.94 -4.66
CA LEU A 61 2.52 6.04 -4.54
C LEU A 61 2.98 7.07 -3.50
N GLY A 62 3.18 8.30 -3.93
CA GLY A 62 3.62 9.36 -3.06
C GLY A 62 5.12 9.28 -2.82
N ALA A 63 5.79 8.40 -3.56
CA ALA A 63 7.23 8.23 -3.44
C ALA A 63 7.98 8.69 -4.68
N PHE A 64 9.27 8.95 -4.51
CA PHE A 64 10.17 9.14 -5.65
C PHE A 64 11.62 8.83 -5.29
N VAL A 65 12.45 8.67 -6.31
CA VAL A 65 13.87 8.42 -6.13
C VAL A 65 14.67 9.55 -6.74
N GLY A 66 15.57 10.13 -5.97
CA GLY A 66 16.33 11.29 -6.43
C GLY A 66 17.80 11.21 -6.10
N LEU A 67 18.59 11.97 -6.86
CA LEU A 67 20.02 12.09 -6.61
C LEU A 67 20.41 13.56 -6.71
N ILE A 68 21.17 14.03 -5.72
CA ILE A 68 21.61 15.42 -5.69
C ILE A 68 22.40 15.77 -6.96
N ALA A 69 22.12 16.94 -7.52
CA ALA A 69 22.68 17.32 -8.81
C ALA A 69 24.19 17.55 -8.74
N GLU A 70 24.63 18.11 -7.62
CA GLU A 70 26.04 18.39 -7.39
C GLU A 70 26.27 18.60 -5.90
N PRO A 71 27.51 18.38 -5.42
CA PRO A 71 27.79 18.48 -3.98
C PRO A 71 27.27 19.78 -3.34
N GLY A 72 26.50 19.64 -2.26
CA GLY A 72 25.99 20.77 -1.52
C GLY A 72 24.73 21.40 -2.09
N SER A 73 24.25 20.89 -3.22
CA SER A 73 23.09 21.46 -3.89
C SER A 73 21.76 21.11 -3.22
N ARG A 74 20.76 21.94 -3.45
CA ARG A 74 19.39 21.63 -3.03
C ARG A 74 18.65 20.92 -4.14
N VAL A 75 19.23 20.96 -5.34
CA VAL A 75 18.60 20.38 -6.52
C VAL A 75 18.85 18.87 -6.61
N VAL A 76 17.77 18.11 -6.77
CA VAL A 76 17.88 16.67 -6.96
C VAL A 76 17.36 16.27 -8.34
N GLU A 77 18.13 15.43 -9.03
CA GLU A 77 17.68 14.87 -10.29
C GLU A 77 16.72 13.71 -10.03
N LEU A 78 15.57 13.71 -10.69
CA LEU A 78 14.56 12.70 -10.43
C LEU A 78 14.76 11.48 -11.33
N SER A 79 14.61 10.30 -10.73
CA SER A 79 14.51 9.07 -11.48
C SER A 79 13.08 8.55 -11.37
N GLN A 80 12.80 7.43 -12.03
CA GLN A 80 11.59 6.67 -11.74
C GLN A 80 11.84 5.94 -10.41
N PRO A 81 10.77 5.63 -9.67
CA PRO A 81 10.98 5.04 -8.34
C PRO A 81 11.63 3.66 -8.38
N ASN A 82 11.81 3.10 -9.57
CA ASN A 82 12.57 1.87 -9.75
C ASN A 82 13.93 2.15 -10.39
N GLN A 83 14.34 3.42 -10.34
CA GLN A 83 15.64 3.90 -10.80
C GLN A 83 15.88 3.86 -12.31
N GLU A 84 14.89 3.45 -13.10
CA GLU A 84 15.04 3.59 -14.54
C GLU A 84 14.99 5.09 -14.85
N ASP A 85 15.56 5.50 -15.97
CA ASP A 85 15.67 6.92 -16.28
C ASP A 85 14.31 7.57 -16.50
N PHE A 86 14.16 8.80 -16.03
CA PHE A 86 12.94 9.57 -16.29
C PHE A 86 13.17 10.52 -17.46
N HIS A 87 12.47 10.29 -18.57
CA HIS A 87 12.60 11.15 -19.74
C HIS A 87 11.54 12.24 -19.69
N ALA A 88 11.98 13.49 -19.68
CA ALA A 88 11.08 14.64 -19.57
C ALA A 88 10.11 14.72 -20.76
N GLY A 89 8.88 15.15 -20.47
CA GLY A 89 7.83 15.25 -21.48
C GLY A 89 7.05 13.97 -21.68
N SER A 90 7.53 12.87 -21.10
CA SER A 90 6.82 11.59 -21.19
C SER A 90 5.63 11.58 -20.25
N ALA A 91 5.71 12.38 -19.20
CA ALA A 91 4.71 12.40 -18.15
C ALA A 91 4.82 13.71 -17.37
N PRO A 92 3.77 14.07 -16.60
CA PRO A 92 3.83 15.27 -15.75
C PRO A 92 4.94 15.18 -14.72
N ALA A 93 5.23 13.96 -14.28
CA ALA A 93 6.22 13.70 -13.25
C ALA A 93 6.59 12.22 -13.28
N PRO A 94 7.64 11.81 -12.56
CA PRO A 94 7.87 10.36 -12.46
C PRO A 94 6.67 9.67 -11.82
N PHE A 95 6.47 8.40 -12.16
CA PHE A 95 5.30 7.66 -11.70
C PHE A 95 5.21 7.63 -10.17
N GLY A 96 4.01 7.85 -9.65
CA GLY A 96 3.78 7.82 -8.22
C GLY A 96 4.01 9.14 -7.52
N PHE A 97 4.60 10.10 -8.22
CA PHE A 97 4.83 11.42 -7.66
C PHE A 97 3.49 12.08 -7.30
N PRO A 98 3.41 12.68 -6.10
CA PRO A 98 2.17 13.29 -5.59
C PRO A 98 1.61 14.37 -6.50
N ASP A 99 0.28 14.44 -6.59
CA ASP A 99 -0.38 15.42 -7.43
C ASP A 99 -1.13 16.47 -6.61
N PHE A 100 -0.49 16.93 -5.54
CA PHE A 100 -1.11 17.93 -4.66
C PHE A 100 -0.50 19.31 -4.91
N SER A 101 -1.23 20.35 -4.55
CA SER A 101 -0.78 21.72 -4.81
C SER A 101 -1.07 22.67 -3.67
N ASP A 102 -0.74 23.94 -3.87
CA ASP A 102 -1.06 25.00 -2.91
C ASP A 102 -0.49 24.71 -1.54
N CYS A 103 0.72 24.19 -1.50
CA CYS A 103 1.34 23.76 -0.25
C CYS A 103 2.83 23.49 -0.42
N SER A 104 3.47 23.10 0.68
CA SER A 104 4.79 22.50 0.60
C SER A 104 4.65 21.01 0.90
N LEU A 105 5.50 20.20 0.28
CA LEU A 105 5.45 18.76 0.51
C LEU A 105 6.65 18.30 1.32
N THR A 106 6.39 17.75 2.50
CA THR A 106 7.46 17.23 3.35
C THR A 106 7.57 15.73 3.17
N PHE A 107 8.75 15.28 2.74
CA PHE A 107 8.99 13.86 2.51
C PHE A 107 9.92 13.28 3.58
N VAL A 108 9.67 12.03 3.96
CA VAL A 108 10.69 11.27 4.67
C VAL A 108 11.70 10.81 3.64
N VAL A 109 12.99 11.03 3.92
CA VAL A 109 14.04 10.74 2.96
C VAL A 109 15.03 9.74 3.55
N ALA A 110 15.30 8.67 2.81
CA ALA A 110 16.18 7.62 3.29
C ALA A 110 17.23 7.24 2.25
N SER A 111 18.49 7.38 2.63
CA SER A 111 19.60 6.93 1.80
C SER A 111 20.37 5.84 2.56
N ALA A 112 21.47 5.39 1.98
CA ALA A 112 22.31 4.38 2.62
C ALA A 112 22.93 4.91 3.91
N THR A 113 23.05 6.23 4.02
CA THR A 113 23.75 6.84 5.15
C THR A 113 22.86 7.72 6.04
N THR A 114 21.67 8.07 5.56
CA THR A 114 20.83 9.01 6.29
C THR A 114 19.33 8.76 6.21
N VAL A 115 18.62 9.11 7.28
CA VAL A 115 17.17 9.22 7.28
C VAL A 115 16.79 10.58 7.87
N GLY A 116 15.97 11.33 7.15
CA GLY A 116 15.57 12.64 7.60
C GLY A 116 14.38 13.18 6.83
N GLU A 117 14.21 14.51 6.85
CA GLU A 117 13.10 15.13 6.17
C GLU A 117 13.57 16.16 5.14
N ARG A 118 12.94 16.17 3.98
CA ARG A 118 13.17 17.22 2.99
C ARG A 118 11.83 17.76 2.50
N THR A 119 11.82 19.04 2.14
CA THR A 119 10.57 19.70 1.75
C THR A 119 10.71 20.45 0.43
N VAL A 120 9.72 20.28 -0.44
CA VAL A 120 9.67 21.05 -1.68
C VAL A 120 8.45 21.96 -1.69
N ASN A 121 8.67 23.23 -2.05
CA ASN A 121 7.59 24.21 -2.10
C ASN A 121 6.85 24.09 -3.43
N ALA A 122 5.66 23.50 -3.40
CA ALA A 122 4.89 23.26 -4.62
C ALA A 122 4.28 24.55 -5.18
N ARG A 123 4.32 25.62 -4.40
CA ARG A 123 3.86 26.92 -4.86
C ARG A 123 4.95 27.67 -5.60
N SER A 124 6.16 27.12 -5.57
CA SER A 124 7.32 27.74 -6.20
C SER A 124 7.53 27.21 -7.62
N PRO A 125 7.39 28.09 -8.63
CA PRO A 125 7.62 27.71 -10.02
C PRO A 125 9.06 27.29 -10.31
N GLN A 126 10.02 27.88 -9.61
CA GLN A 126 11.43 27.55 -9.81
C GLN A 126 11.84 26.22 -9.18
N ASN A 127 11.27 25.92 -8.02
CA ASN A 127 11.68 24.74 -7.25
C ASN A 127 10.86 23.50 -7.58
N PHE A 128 9.59 23.69 -7.92
CA PHE A 128 8.72 22.56 -8.23
C PHE A 128 8.63 22.37 -9.73
N THR A 129 9.58 21.63 -10.28
CA THR A 129 9.63 21.38 -11.72
C THR A 129 9.83 19.91 -12.09
N PRO A 130 8.93 19.03 -11.61
CA PRO A 130 9.15 17.58 -11.80
C PRO A 130 9.14 17.16 -13.27
N ALA A 131 8.36 17.84 -14.10
CA ALA A 131 8.28 17.51 -15.52
C ALA A 131 9.61 17.72 -16.24
N LEU A 132 10.47 18.56 -15.67
CA LEU A 132 11.79 18.79 -16.22
C LEU A 132 12.79 17.77 -15.66
N GLY A 133 12.32 16.95 -14.73
CA GLY A 133 13.13 15.86 -14.20
C GLY A 133 13.97 16.22 -12.99
N HIS A 134 13.69 17.36 -12.37
CA HIS A 134 14.34 17.72 -11.11
C HIS A 134 13.51 18.68 -10.28
N ILE A 135 13.66 18.60 -8.96
CA ILE A 135 13.01 19.55 -8.06
C ILE A 135 14.04 20.13 -7.10
N THR A 136 13.69 21.24 -6.46
CA THR A 136 14.62 21.89 -5.53
C THR A 136 14.06 21.89 -4.11
N PHE A 137 14.73 21.17 -3.22
CA PHE A 137 14.33 21.13 -1.82
C PHE A 137 14.52 22.49 -1.15
N ASP A 138 13.84 22.69 -0.04
CA ASP A 138 14.06 23.85 0.81
C ASP A 138 15.44 23.76 1.46
N GLU A 139 15.93 22.53 1.60
CA GLU A 139 17.18 22.26 2.29
C GLU A 139 18.18 21.55 1.37
N GLU A 140 19.43 21.49 1.80
CA GLU A 140 20.45 20.75 1.06
C GLU A 140 20.06 19.29 0.94
N ALA A 141 20.21 18.73 -0.25
CA ALA A 141 19.87 17.33 -0.49
C ALA A 141 20.85 16.41 0.22
N PRO A 142 20.43 15.16 0.50
CA PRO A 142 21.39 14.18 1.00
C PRO A 142 22.50 13.93 -0.01
N ALA A 143 23.67 13.55 0.46
CA ALA A 143 24.85 13.44 -0.39
C ALA A 143 24.74 12.30 -1.41
N ASP A 144 23.87 11.34 -1.13
CA ASP A 144 23.79 10.14 -1.95
C ASP A 144 22.36 9.82 -2.39
N LEU A 145 22.23 8.82 -3.25
CA LEU A 145 20.94 8.40 -3.81
C LEU A 145 19.95 8.05 -2.70
N PHE A 146 18.74 8.60 -2.78
CA PHE A 146 17.75 8.40 -1.72
C PHE A 146 16.37 8.04 -2.26
N ARG A 147 15.58 7.41 -1.40
CA ARG A 147 14.17 7.19 -1.68
C ARG A 147 13.33 8.02 -0.71
N ALA A 148 12.34 8.72 -1.24
CA ALA A 148 11.51 9.58 -0.41
C ALA A 148 10.04 9.15 -0.44
N HIS A 149 9.37 9.22 0.70
CA HIS A 149 7.93 9.03 0.69
CA HIS A 149 7.94 8.95 0.84
C HIS A 149 7.24 10.19 1.40
N LEU A 150 6.06 10.52 0.91
CA LEU A 150 5.32 11.67 1.43
C LEU A 150 4.98 11.48 2.91
N ARG A 151 5.28 12.50 3.70
CA ARG A 151 5.11 12.45 5.14
C ARG A 151 3.96 13.33 5.60
N ASN A 152 3.98 14.58 5.16
CA ASN A 152 2.92 15.52 5.47
C ASN A 152 2.92 16.73 4.54
N LEU A 153 1.84 17.51 4.58
CA LEU A 153 1.79 18.78 3.86
C LEU A 153 2.11 19.93 4.81
N TRP A 154 2.83 20.92 4.30
CA TRP A 154 3.11 22.13 5.09
C TRP A 154 2.39 23.32 4.50
N ASP A 155 1.69 24.07 5.36
CA ASP A 155 0.95 25.26 4.96
C ASP A 155 0.03 25.03 3.74
N PRO A 156 -0.88 24.05 3.82
CA PRO A 156 -1.75 23.81 2.67
C PRO A 156 -2.99 24.71 2.67
N THR A 157 -3.83 24.54 1.66
CA THR A 157 -5.12 25.23 1.63
C THR A 157 -6.24 24.21 1.41
N GLU A 158 -7.47 24.68 1.35
CA GLU A 158 -8.62 23.80 1.12
C GLU A 158 -8.59 23.21 -0.29
N HIS A 159 -7.83 23.83 -1.19
CA HIS A 159 -7.75 23.39 -2.58
C HIS A 159 -6.63 22.38 -2.84
N SER A 160 -5.81 22.15 -1.82
CA SER A 160 -4.58 21.36 -1.97
C SER A 160 -4.80 19.97 -2.57
N PHE A 161 -5.86 19.29 -2.15
CA PHE A 161 -6.13 17.93 -2.60
C PHE A 161 -7.08 17.90 -3.80
N TRP A 162 -7.51 19.06 -4.26
CA TRP A 162 -8.50 19.13 -5.34
C TRP A 162 -7.90 19.66 -6.65
N ARG A 163 -6.86 20.48 -6.52
CA ARG A 163 -6.21 21.05 -7.69
C ARG A 163 -4.81 20.50 -7.85
N ILE A 164 -4.50 19.96 -9.03
CA ILE A 164 -3.16 19.46 -9.28
C ILE A 164 -2.20 20.62 -9.47
N PRO A 165 -0.93 20.42 -9.09
CA PRO A 165 0.04 21.52 -9.17
C PRO A 165 0.46 21.83 -10.59
N ASP A 166 1.23 22.90 -10.74
CA ASP A 166 1.87 23.21 -12.01
C ASP A 166 3.14 22.38 -12.11
N TYR A 167 3.11 21.34 -12.93
CA TYR A 167 4.27 20.47 -13.11
C TYR A 167 5.30 21.16 -13.98
N ARG A 168 5.02 22.37 -14.42
CA ARG A 168 5.75 23.01 -15.48
C ARG A 168 5.62 22.16 -16.71
N ALA A 169 4.39 22.02 -17.15
CA ALA A 169 4.11 21.30 -18.39
C ALA A 169 2.64 21.52 -18.78
N ASP A 170 2.37 21.49 -20.09
CA ASP A 170 1.00 21.72 -20.58
C ASP A 170 0.06 20.60 -20.15
N VAL A 171 -0.94 20.96 -19.34
CA VAL A 171 -1.85 19.98 -18.74
C VAL A 171 -2.83 19.37 -19.74
N LEU A 172 -2.87 19.93 -20.95
CA LEU A 172 -3.72 19.38 -22.01
C LEU A 172 -2.91 18.40 -22.87
N GLY A 173 -1.64 18.23 -22.52
CA GLY A 173 -0.77 17.30 -23.21
C GLY A 173 -1.27 15.87 -23.07
N SER A 174 -0.91 15.02 -24.04
CA SER A 174 -1.37 13.64 -24.07
C SER A 174 -0.80 12.81 -22.91
N GLU A 175 0.27 13.31 -22.29
CA GLU A 175 0.90 12.61 -21.18
C GLU A 175 0.13 12.80 -19.87
N PHE A 176 -0.79 13.76 -19.86
CA PHE A 176 -1.63 14.00 -18.70
C PHE A 176 -2.88 13.13 -18.69
N ALA A 177 -3.28 12.67 -17.51
CA ALA A 177 -4.60 12.11 -17.33
C ALA A 177 -5.63 13.22 -17.54
N PRO A 178 -6.64 12.95 -18.38
CA PRO A 178 -7.62 13.98 -18.73
C PRO A 178 -8.56 14.34 -17.57
N SER A 179 -9.16 15.53 -17.64
CA SER A 179 -10.14 15.98 -16.66
C SER A 179 -11.32 15.02 -16.55
N VAL A 180 -11.91 14.93 -15.37
CA VAL A 180 -13.04 14.04 -15.14
C VAL A 180 -14.21 14.77 -14.49
N SER A 181 -15.40 14.55 -15.02
CA SER A 181 -16.62 15.09 -14.44
C SER A 181 -17.75 14.10 -14.62
N ALA A 182 -18.79 14.23 -13.79
CA ALA A 182 -19.95 13.36 -13.89
C ALA A 182 -20.73 13.67 -15.17
N PRO A 183 -20.76 12.71 -16.11
CA PRO A 183 -21.36 12.94 -17.43
C PRO A 183 -22.88 12.98 -17.40
N GLY A 184 -23.50 12.10 -16.63
CA GLY A 184 -24.95 12.03 -16.57
C GLY A 184 -25.59 13.25 -15.93
N VAL A 185 -26.80 13.57 -16.37
CA VAL A 185 -27.54 14.71 -15.85
C VAL A 185 -27.90 14.53 -14.38
N GLY A 186 -27.48 15.46 -13.55
CA GLY A 186 -27.78 15.40 -12.12
C GLY A 186 -26.82 14.52 -11.34
N GLU A 187 -25.92 13.84 -12.05
CA GLU A 187 -24.96 12.94 -11.41
C GLU A 187 -23.82 13.73 -10.77
N THR A 188 -23.27 13.16 -9.70
CA THR A 188 -22.06 13.71 -9.09
C THR A 188 -21.03 12.60 -8.86
N LEU A 189 -19.76 12.95 -8.96
CA LEU A 189 -18.68 11.99 -8.74
C LEU A 189 -18.68 11.44 -7.31
N LEU A 190 -18.50 10.13 -7.19
CA LEU A 190 -18.32 9.49 -5.90
C LEU A 190 -16.83 9.45 -5.56
N PHE A 191 -16.47 10.01 -4.40
CA PHE A 191 -15.06 10.06 -4.01
C PHE A 191 -14.75 9.17 -2.82
N PHE A 192 -13.61 8.51 -2.87
CA PHE A 192 -13.09 7.77 -1.73
C PHE A 192 -12.17 8.68 -0.93
N MET A 193 -12.37 8.71 0.38
CA MET A 193 -11.71 9.72 1.22
C MET A 193 -10.79 9.13 2.28
N CYS A 194 -9.76 9.89 2.63
CA CYS A 194 -8.94 9.61 3.79
C CYS A 194 -8.36 10.93 4.30
N ASN A 195 -7.74 10.91 5.47
CA ASN A 195 -7.07 12.08 5.99
C ASN A 195 -5.56 12.00 5.81
N VAL A 196 -4.95 13.14 5.53
CA VAL A 196 -3.51 13.23 5.31
C VAL A 196 -2.91 14.18 6.33
N PRO A 197 -1.76 13.80 6.92
CA PRO A 197 -1.08 14.69 7.88
C PRO A 197 -0.73 16.04 7.28
N ARG A 198 -0.91 17.10 8.08
CA ARG A 198 -0.59 18.44 7.63
C ARG A 198 -0.20 19.33 8.81
N LEU A 199 0.65 20.32 8.53
CA LEU A 199 1.06 21.27 9.54
C LEU A 199 0.78 22.70 9.07
N ASN A 200 0.16 23.49 9.94
CA ASN A 200 -0.16 24.88 9.67
C ASN A 200 -1.09 25.04 8.46
N GLY A 201 -1.20 26.28 7.97
CA GLY A 201 -2.12 26.60 6.89
C GLY A 201 -3.55 26.30 7.24
N ALA A 202 -4.35 25.97 6.23
CA ALA A 202 -5.75 25.62 6.44
C ALA A 202 -5.99 24.15 6.13
N ASN A 203 -7.05 23.59 6.69
CA ASN A 203 -7.34 22.16 6.57
C ASN A 203 -7.68 21.75 5.13
N PRO A 204 -6.85 20.88 4.54
CA PRO A 204 -7.05 20.36 3.19
C PRO A 204 -7.95 19.13 3.15
N ASN A 205 -8.08 18.47 4.30
CA ASN A 205 -8.78 17.19 4.38
C ASN A 205 -10.30 17.35 4.25
N PRO A 206 -10.98 16.32 3.73
CA PRO A 206 -10.46 15.01 3.33
C PRO A 206 -9.76 15.02 1.96
N CYS A 207 -8.99 13.97 1.70
CA CYS A 207 -8.33 13.79 0.41
C CYS A 207 -9.12 12.83 -0.47
N PRO A 208 -9.55 13.31 -1.65
CA PRO A 208 -10.36 12.49 -2.57
C PRO A 208 -9.53 11.68 -3.57
N CYS A 209 -10.08 10.58 -4.04
CA CYS A 209 -9.56 9.84 -5.18
C CYS A 209 -10.71 9.15 -5.90
N LEU A 210 -10.51 8.83 -7.18
CA LEU A 210 -11.57 8.28 -8.01
C LEU A 210 -11.75 6.77 -7.84
N LEU A 211 -10.64 6.06 -7.64
CA LEU A 211 -10.68 4.60 -7.58
C LEU A 211 -9.86 4.07 -6.41
N PRO A 212 -10.31 2.96 -5.80
CA PRO A 212 -9.47 2.28 -4.81
C PRO A 212 -8.24 1.66 -5.47
N GLN A 213 -7.13 1.61 -4.75
CA GLN A 213 -5.89 1.02 -5.29
C GLN A 213 -6.11 -0.42 -5.74
N GLU A 214 -6.84 -1.19 -4.94
CA GLU A 214 -7.09 -2.60 -5.25
C GLU A 214 -7.87 -2.77 -6.55
N TRP A 215 -8.77 -1.85 -6.83
CA TRP A 215 -9.53 -1.91 -8.08
C TRP A 215 -8.60 -1.68 -9.27
N ILE A 216 -7.74 -0.67 -9.15
CA ILE A 216 -6.76 -0.36 -10.18
C ILE A 216 -5.85 -1.55 -10.45
N THR A 217 -5.34 -2.13 -9.37
CA THR A 217 -4.47 -3.29 -9.45
C THR A 217 -5.18 -4.48 -10.11
N HIS A 218 -6.40 -4.70 -9.72
CA HIS A 218 -7.24 -5.72 -10.29
C HIS A 218 -7.49 -5.54 -11.79
N PHE A 219 -7.73 -4.30 -12.19
CA PHE A 219 -7.94 -3.95 -13.59
C PHE A 219 -6.70 -4.23 -14.44
N VAL A 220 -5.53 -3.91 -13.90
CA VAL A 220 -4.28 -4.14 -14.60
C VAL A 220 -4.03 -5.64 -14.79
N SER A 221 -4.33 -6.41 -13.76
CA SER A 221 -4.16 -7.87 -13.81
C SER A 221 -5.12 -8.53 -14.81
N GLU A 222 -6.39 -8.15 -14.76
CA GLU A 222 -7.43 -8.77 -15.58
C GLU A 222 -7.39 -8.35 -17.05
N ARG A 223 -7.19 -7.06 -17.30
CA ARG A 223 -7.26 -6.51 -18.65
C ARG A 223 -8.58 -6.88 -19.33
N ALA A 224 -9.67 -6.76 -18.57
CA ALA A 224 -10.99 -7.20 -19.03
C ALA A 224 -11.57 -6.39 -20.19
N ALA A 225 -12.36 -7.08 -21.02
CA ALA A 225 -13.15 -6.42 -22.06
C ALA A 225 -14.50 -5.93 -21.52
N LEU A 226 -14.89 -4.73 -21.93
CA LEU A 226 -16.18 -4.16 -21.53
C LEU A 226 -17.25 -4.37 -22.60
N GLN A 227 -18.46 -4.73 -22.18
CA GLN A 227 -19.58 -4.87 -23.12
C GLN A 227 -20.29 -3.55 -23.33
N SER A 228 -19.90 -2.54 -22.56
CA SER A 228 -20.47 -1.20 -22.68
C SER A 228 -19.54 -0.19 -22.03
N ASP A 229 -19.82 1.09 -22.26
CA ASP A 229 -19.01 2.17 -21.69
C ASP A 229 -19.25 2.37 -20.20
N VAL A 230 -20.37 1.87 -19.69
CA VAL A 230 -20.73 2.09 -18.29
C VAL A 230 -21.17 0.80 -17.60
N ALA A 231 -20.51 0.48 -16.50
CA ALA A 231 -20.91 -0.65 -15.66
C ALA A 231 -21.77 -0.18 -14.49
N LEU A 232 -22.94 -0.79 -14.33
CA LEU A 232 -23.81 -0.49 -13.19
C LEU A 232 -23.37 -1.30 -11.98
N LEU A 233 -23.31 -0.65 -10.82
CA LEU A 233 -22.88 -1.30 -9.59
C LEU A 233 -23.91 -1.17 -8.47
N ASN A 234 -24.05 -2.20 -7.67
CA ASN A 234 -24.82 -2.13 -6.43
C ASN A 234 -23.90 -2.13 -5.22
N TYR A 235 -24.09 -1.16 -4.34
CA TYR A 235 -23.38 -1.15 -3.08
C TYR A 235 -24.19 -1.98 -2.09
N VAL A 236 -23.64 -3.12 -1.69
CA VAL A 236 -24.41 -4.14 -0.98
C VAL A 236 -23.86 -4.42 0.41
N ASN A 237 -24.75 -4.65 1.38
CA ASN A 237 -24.37 -5.14 2.69
C ASN A 237 -23.96 -6.61 2.57
N PRO A 238 -22.67 -6.89 2.80
CA PRO A 238 -22.11 -8.24 2.61
C PRO A 238 -22.73 -9.28 3.53
N ASN A 239 -23.20 -8.86 4.70
CA ASN A 239 -23.80 -9.78 5.66
C ASN A 239 -25.22 -10.20 5.27
N THR A 240 -26.00 -9.25 4.77
CA THR A 240 -27.42 -9.50 4.48
C THR A 240 -27.69 -9.65 2.99
N GLY A 241 -26.84 -9.07 2.16
CA GLY A 241 -27.01 -9.14 0.72
C GLY A 241 -27.91 -8.06 0.16
N ARG A 242 -28.37 -7.16 1.01
CA ARG A 242 -29.29 -6.11 0.60
C ARG A 242 -28.57 -4.94 -0.05
N VAL A 243 -29.23 -4.34 -1.04
CA VAL A 243 -28.66 -3.21 -1.78
C VAL A 243 -28.87 -1.90 -1.01
N LEU A 244 -27.78 -1.16 -0.80
CA LEU A 244 -27.86 0.12 -0.10
C LEU A 244 -28.08 1.27 -1.08
N PHE A 245 -27.40 1.21 -2.22
CA PHE A 245 -27.62 2.17 -3.31
C PHE A 245 -26.91 1.66 -4.57
N GLU A 246 -27.22 2.27 -5.71
CA GLU A 246 -26.56 1.91 -6.96
C GLU A 246 -25.69 3.05 -7.48
N ALA A 247 -24.65 2.70 -8.22
CA ALA A 247 -23.74 3.68 -8.79
C ALA A 247 -23.31 3.27 -10.20
N LYS A 248 -22.82 4.24 -10.97
CA LYS A 248 -22.32 3.98 -12.31
C LYS A 248 -20.80 4.01 -12.34
N LEU A 249 -20.21 2.98 -12.94
CA LEU A 249 -18.75 2.91 -13.07
C LEU A 249 -18.36 3.09 -14.53
N TYR A 250 -17.84 4.27 -14.86
CA TYR A 250 -17.52 4.61 -16.25
C TYR A 250 -16.21 3.97 -16.69
N ALA A 251 -16.10 3.73 -17.99
CA ALA A 251 -14.99 2.96 -18.56
C ALA A 251 -13.63 3.59 -18.30
N ASN A 252 -13.58 4.91 -18.21
CA ASN A 252 -12.30 5.60 -18.06
C ASN A 252 -11.88 5.74 -16.60
N GLY A 253 -12.62 5.09 -15.71
CA GLY A 253 -12.19 4.93 -14.33
C GLY A 253 -12.68 5.92 -13.30
N PHE A 254 -13.99 6.05 -13.17
CA PHE A 254 -14.56 6.83 -12.08
C PHE A 254 -16.00 6.41 -11.80
N LEU A 255 -16.47 6.70 -10.59
CA LEU A 255 -17.83 6.35 -10.18
C LEU A 255 -18.68 7.61 -10.03
N THR A 256 -19.97 7.50 -10.38
CA THR A 256 -20.92 8.58 -10.11
C THR A 256 -22.14 8.04 -9.39
N VAL A 257 -22.83 8.93 -8.66
CA VAL A 257 -24.09 8.59 -8.02
C VAL A 257 -25.13 9.68 -8.26
N ASN A 258 -26.38 9.36 -8.01
CA ASN A 258 -27.45 10.35 -8.03
C ASN A 258 -27.82 10.74 -6.61
N LEU A 259 -27.47 11.96 -6.22
CA LEU A 259 -27.79 12.45 -4.88
C LEU A 259 -29.25 12.85 -4.76
N GLY A 260 -29.93 12.92 -5.90
CA GLY A 260 -31.34 13.30 -5.94
C GLY A 260 -31.58 14.70 -5.39
N ALA A 261 -32.47 14.79 -4.41
CA ALA A 261 -32.81 16.08 -3.81
C ALA A 261 -31.69 16.60 -2.91
N SER A 262 -30.79 15.72 -2.50
CA SER A 262 -29.70 16.10 -1.61
C SER A 262 -28.56 16.79 -2.36
N ASP A 263 -27.78 17.59 -1.63
CA ASP A 263 -26.61 18.25 -2.20
C ASP A 263 -25.33 17.61 -1.67
N GLN A 264 -25.49 16.68 -0.73
CA GLN A 264 -24.36 16.11 -0.02
C GLN A 264 -24.69 14.74 0.54
N ALA A 265 -23.71 13.85 0.60
CA ALA A 265 -23.88 12.54 1.24
C ALA A 265 -22.55 11.94 1.71
N THR A 266 -22.53 11.46 2.94
CA THR A 266 -21.41 10.68 3.45
C THR A 266 -21.87 9.23 3.60
N LEU A 267 -21.26 8.34 2.82
CA LEU A 267 -21.75 6.97 2.72
C LEU A 267 -20.92 5.98 3.53
N PRO A 268 -21.58 4.95 4.10
CA PRO A 268 -20.91 3.92 4.88
C PRO A 268 -19.90 3.12 4.06
N VAL A 269 -18.82 2.71 4.70
CA VAL A 269 -17.72 2.04 3.99
C VAL A 269 -17.62 0.56 4.31
N ASP A 270 -18.65 0.00 4.94
CA ASP A 270 -18.63 -1.42 5.31
C ASP A 270 -19.37 -2.28 4.28
N GLY A 271 -19.73 -1.68 3.15
CA GLY A 271 -20.41 -2.41 2.10
C GLY A 271 -19.47 -2.83 0.99
N ILE A 272 -19.99 -3.59 0.02
CA ILE A 272 -19.20 -4.06 -1.11
C ILE A 272 -19.89 -3.71 -2.43
N PHE A 273 -19.12 -3.13 -3.34
CA PHE A 273 -19.62 -2.85 -4.69
C PHE A 273 -19.69 -4.14 -5.50
N LYS A 274 -20.85 -4.38 -6.10
CA LYS A 274 -21.07 -5.58 -6.89
C LYS A 274 -21.40 -5.22 -8.34
N PHE A 275 -20.77 -5.91 -9.28
CA PHE A 275 -21.05 -5.68 -10.69
C PHE A 275 -22.48 -6.12 -11.00
N VAL A 276 -23.27 -5.19 -11.54
CA VAL A 276 -24.68 -5.43 -11.80
C VAL A 276 -24.97 -5.76 -13.27
N SER A 277 -24.82 -4.77 -14.14
CA SER A 277 -25.05 -4.98 -15.57
C SER A 277 -24.33 -3.93 -16.40
N TRP A 278 -24.33 -4.11 -17.71
CA TRP A 278 -23.80 -3.10 -18.62
C TRP A 278 -24.89 -2.13 -19.05
N VAL A 279 -24.65 -0.85 -18.82
CA VAL A 279 -25.61 0.18 -19.23
C VAL A 279 -24.94 1.24 -20.11
N SER A 280 -25.67 2.31 -20.37
CA SER A 280 -25.19 3.38 -21.23
C SER A 280 -25.01 4.68 -20.46
N PHE A 281 -24.42 5.68 -21.10
CA PHE A 281 -24.28 7.02 -20.52
C PHE A 281 -25.62 7.57 -20.01
N TYR A 282 -26.70 7.14 -20.64
CA TYR A 282 -28.02 7.72 -20.39
C TYR A 282 -28.81 7.00 -19.30
N TYR A 283 -28.27 5.91 -18.77
CA TYR A 283 -28.93 5.23 -17.66
C TYR A 283 -29.17 6.19 -16.50
N GLN A 284 -30.39 6.19 -15.98
CA GLN A 284 -30.75 7.13 -14.93
C GLN A 284 -30.72 6.43 -13.57
N LEU A 285 -29.82 6.90 -12.72
CA LEU A 285 -29.61 6.28 -11.42
C LEU A 285 -30.75 6.56 -10.45
N ARG A 286 -31.14 5.54 -9.71
CA ARG A 286 -32.03 5.73 -8.57
C ARG A 286 -31.27 6.58 -7.57
N PRO A 287 -31.96 7.56 -6.95
CA PRO A 287 -31.27 8.42 -5.99
C PRO A 287 -30.73 7.64 -4.80
N VAL A 288 -29.57 8.05 -4.29
CA VAL A 288 -28.94 7.37 -3.17
C VAL A 288 -29.77 7.48 -1.90
N PHE B 5 -8.54 -21.72 -9.47
CA PHE B 5 -7.65 -20.98 -8.59
C PHE B 5 -6.70 -20.11 -9.42
N THR B 6 -6.53 -18.87 -9.00
CA THR B 6 -5.70 -17.93 -9.76
C THR B 6 -4.79 -17.08 -8.90
N LEU B 7 -3.76 -16.52 -9.55
CA LEU B 7 -2.90 -15.51 -8.95
C LEU B 7 -3.06 -14.24 -9.78
N PRO B 8 -2.76 -13.07 -9.19
CA PRO B 8 -2.79 -11.85 -9.99
C PRO B 8 -1.75 -11.90 -11.12
N ASN B 9 -2.12 -11.41 -12.30
CA ASN B 9 -1.21 -11.45 -13.45
C ASN B 9 -0.31 -10.21 -13.44
N LEU B 10 0.61 -10.20 -12.49
CA LEU B 10 1.50 -9.05 -12.27
C LEU B 10 2.91 -9.53 -12.00
N PRO B 11 3.91 -8.85 -12.58
CA PRO B 11 5.30 -9.19 -12.28
C PRO B 11 5.66 -8.86 -10.83
N VAL B 12 6.59 -9.62 -10.26
CA VAL B 12 6.97 -9.50 -8.86
C VAL B 12 7.47 -8.09 -8.53
N ASN B 13 8.15 -7.47 -9.48
CA ASN B 13 8.69 -6.13 -9.26
C ASN B 13 7.62 -5.04 -9.37
N ASN B 14 6.37 -5.44 -9.48
CA ASN B 14 5.24 -4.52 -9.37
C ASN B 14 4.40 -4.82 -8.14
N LEU B 15 4.85 -5.79 -7.35
CA LEU B 15 4.13 -6.21 -6.15
C LEU B 15 4.73 -5.57 -4.89
N SER B 16 3.93 -5.53 -3.83
CA SER B 16 4.34 -4.87 -2.59
C SER B 16 4.65 -5.85 -1.47
N HIS B 17 5.61 -5.50 -0.63
CA HIS B 17 5.99 -6.29 0.53
C HIS B 17 4.82 -6.37 1.52
N SER B 18 4.80 -7.43 2.34
CA SER B 18 3.65 -7.64 3.23
C SER B 18 3.98 -7.54 4.71
N ARG B 19 5.20 -7.16 5.05
CA ARG B 19 5.55 -6.90 6.45
C ARG B 19 6.00 -5.45 6.64
N VAL B 20 6.26 -4.78 5.52
CA VAL B 20 6.50 -3.35 5.52
C VAL B 20 5.98 -2.78 4.20
N MET B 21 5.55 -1.52 4.21
CA MET B 21 4.96 -0.93 3.02
C MET B 21 6.03 -0.43 2.06
N GLU B 22 6.60 -1.38 1.32
CA GLU B 22 7.66 -1.11 0.37
C GLU B 22 7.48 -2.02 -0.85
N PRO B 23 8.01 -1.62 -2.02
CA PRO B 23 7.91 -2.54 -3.15
C PRO B 23 8.87 -3.72 -2.99
N ILE B 24 8.48 -4.89 -3.46
CA ILE B 24 9.36 -6.06 -3.42
C ILE B 24 10.53 -5.85 -4.38
N ALA B 25 11.74 -5.87 -3.85
CA ALA B 25 12.94 -5.61 -4.64
C ALA B 25 13.62 -6.90 -5.07
N GLN B 26 13.67 -7.88 -4.17
CA GLN B 26 14.38 -9.13 -4.46
C GLN B 26 13.57 -10.37 -4.09
N MET B 27 14.03 -11.51 -4.58
CA MET B 27 13.44 -12.80 -4.25
C MET B 27 14.56 -13.78 -3.91
N MET B 28 14.51 -14.35 -2.71
CA MET B 28 15.62 -15.17 -2.24
C MET B 28 15.17 -16.43 -1.51
N SER B 29 15.99 -17.48 -1.64
CA SER B 29 15.83 -18.69 -0.87
C SER B 29 17.23 -19.18 -0.49
N SER B 30 17.37 -19.74 0.70
CA SER B 30 18.69 -20.16 1.19
C SER B 30 18.60 -21.20 2.30
N ARG B 31 19.53 -22.14 2.27
CA ARG B 31 19.64 -23.17 3.30
C ARG B 31 20.21 -22.58 4.60
N ASN B 32 20.75 -21.37 4.51
CA ASN B 32 21.30 -20.69 5.68
C ASN B 32 20.33 -19.69 6.30
N PHE B 33 19.17 -19.51 5.66
CA PHE B 33 18.06 -18.79 6.30
C PHE B 33 17.53 -19.66 7.43
N PRO B 34 16.88 -19.04 8.43
CA PRO B 34 16.25 -19.83 9.49
C PRO B 34 15.25 -20.83 8.91
N ALA B 35 15.26 -22.05 9.43
CA ALA B 35 14.43 -23.11 8.89
C ALA B 35 12.95 -22.83 9.16
N SER B 36 12.68 -22.16 10.28
CA SER B 36 11.31 -21.81 10.63
C SER B 36 11.19 -20.32 10.97
N VAL B 37 10.05 -19.74 10.60
CA VAL B 37 9.74 -18.35 10.93
C VAL B 37 8.31 -18.25 11.44
N GLN B 38 8.03 -17.20 12.20
CA GLN B 38 6.69 -17.01 12.74
C GLN B 38 6.23 -15.57 12.58
N PHE B 39 6.40 -15.03 11.36
CA PHE B 39 5.93 -13.69 11.04
C PHE B 39 4.47 -13.54 11.42
N GLN B 40 4.09 -12.39 11.97
CA GLN B 40 2.71 -12.17 12.33
C GLN B 40 1.97 -11.37 11.26
N ASN B 41 2.73 -10.63 10.46
CA ASN B 41 2.19 -9.93 9.30
C ASN B 41 2.52 -10.65 8.01
N GLY B 42 1.77 -10.35 6.95
CA GLY B 42 1.94 -11.02 5.67
C GLY B 42 1.55 -12.48 5.74
N ARG B 43 0.57 -12.78 6.57
CA ARG B 43 0.13 -14.16 6.79
C ARG B 43 -1.32 -14.37 6.38
N CYS B 44 -1.53 -15.28 5.43
CA CYS B 44 -2.86 -15.58 4.92
C CYS B 44 -2.90 -16.94 4.26
N THR B 45 -3.95 -17.70 4.52
CA THR B 45 -4.12 -18.99 3.85
C THR B 45 -4.57 -18.73 2.42
N LEU B 46 -4.42 -19.75 1.57
CA LEU B 46 -4.81 -19.63 0.17
C LEU B 46 -6.32 -19.44 0.03
N SER B 47 -7.05 -19.86 1.06
CA SER B 47 -8.50 -19.73 1.07
C SER B 47 -8.94 -18.36 1.58
N GLY B 48 -7.95 -17.50 1.86
CA GLY B 48 -8.21 -16.13 2.27
C GLY B 48 -8.49 -15.93 3.74
N ASP B 49 -7.93 -16.79 4.59
CA ASP B 49 -8.02 -16.58 6.03
C ASP B 49 -6.77 -15.87 6.56
N LEU B 50 -6.95 -14.64 7.01
CA LEU B 50 -5.85 -13.86 7.58
C LEU B 50 -5.44 -14.41 8.94
N LEU B 51 -4.13 -14.42 9.20
CA LEU B 51 -3.61 -14.92 10.46
C LEU B 51 -2.76 -13.86 11.16
N GLY B 52 -2.59 -14.03 12.48
CA GLY B 52 -1.78 -13.12 13.27
C GLY B 52 -2.28 -11.70 13.28
N THR B 53 -1.38 -10.75 12.99
CA THR B 53 -1.71 -9.34 13.03
C THR B 53 -1.89 -8.76 11.63
N THR B 54 -1.96 -9.64 10.63
CA THR B 54 -2.13 -9.24 9.24
C THR B 54 -3.38 -8.38 9.08
N PRO B 55 -3.20 -7.12 8.70
CA PRO B 55 -4.30 -6.15 8.64
C PRO B 55 -5.27 -6.42 7.50
N SER B 56 -6.57 -6.26 7.76
CA SER B 56 -7.60 -6.40 6.73
C SER B 56 -7.46 -5.28 5.71
N SER B 57 -6.99 -4.13 6.17
CA SER B 57 -6.69 -3.02 5.28
C SER B 57 -5.18 -2.89 5.13
N PRO B 58 -4.66 -3.14 3.92
CA PRO B 58 -3.22 -3.22 3.64
C PRO B 58 -2.42 -1.97 4.02
N SER B 59 -3.04 -0.80 3.93
CA SER B 59 -2.35 0.45 4.25
C SER B 59 -2.09 0.62 5.75
N ASP B 60 -2.71 -0.23 6.56
CA ASP B 60 -2.48 -0.24 7.99
C ASP B 60 -1.20 -1.00 8.35
N LEU B 61 -0.55 -1.57 7.34
CA LEU B 61 0.70 -2.32 7.55
C LEU B 61 1.80 -1.41 8.07
N GLY B 62 2.32 -1.73 9.25
CA GLY B 62 3.37 -0.93 9.86
C GLY B 62 2.85 0.33 10.51
N ALA B 63 1.52 0.45 10.58
CA ALA B 63 0.89 1.60 11.21
C ALA B 63 0.18 1.23 12.50
N PHE B 64 -0.10 2.23 13.33
CA PHE B 64 -1.01 2.06 14.46
C PHE B 64 -1.62 3.39 14.89
N VAL B 65 -2.68 3.31 15.69
CA VAL B 65 -3.33 4.50 16.23
C VAL B 65 -3.23 4.50 17.75
N GLY B 66 -2.75 5.60 18.31
CA GLY B 66 -2.54 5.68 19.74
C GLY B 66 -3.02 6.96 20.38
N LEU B 67 -3.28 6.90 21.68
CA LEU B 67 -3.65 8.07 22.47
C LEU B 67 -2.90 8.08 23.79
N ILE B 68 -2.33 9.22 24.14
CA ILE B 68 -1.57 9.38 25.38
C ILE B 68 -2.45 9.00 26.58
N ALA B 69 -1.87 8.27 27.53
CA ALA B 69 -2.64 7.70 28.64
C ALA B 69 -3.15 8.78 29.57
N GLU B 70 -2.32 9.80 29.80
CA GLU B 70 -2.66 10.94 30.64
C GLU B 70 -1.68 12.05 30.31
N PRO B 71 -2.03 13.32 30.59
CA PRO B 71 -1.19 14.46 30.20
C PRO B 71 0.29 14.31 30.60
N GLY B 72 1.17 14.50 29.61
CA GLY B 72 2.60 14.44 29.84
C GLY B 72 3.23 13.06 29.81
N SER B 73 2.42 12.02 29.64
CA SER B 73 2.91 10.65 29.68
C SER B 73 3.65 10.23 28.41
N ARG B 74 4.53 9.25 28.54
CA ARG B 74 5.18 8.62 27.39
C ARG B 74 4.36 7.41 26.95
N VAL B 75 3.44 6.99 27.82
CA VAL B 75 2.61 5.82 27.58
C VAL B 75 1.40 6.15 26.70
N VAL B 76 1.21 5.38 25.63
CA VAL B 76 0.04 5.55 24.77
C VAL B 76 -0.86 4.33 24.76
N GLU B 77 -2.16 4.55 24.88
CA GLU B 77 -3.15 3.49 24.74
C GLU B 77 -3.39 3.21 23.26
N LEU B 78 -3.35 1.94 22.89
CA LEU B 78 -3.47 1.55 21.49
C LEU B 78 -4.91 1.29 21.06
N SER B 79 -5.25 1.75 19.87
CA SER B 79 -6.49 1.38 19.21
C SER B 79 -6.18 0.46 18.03
N GLN B 80 -7.21 0.02 17.33
CA GLN B 80 -7.02 -0.57 16.01
C GLN B 80 -6.73 0.56 15.02
N PRO B 81 -6.01 0.26 13.92
CA PRO B 81 -5.60 1.30 12.98
C PRO B 81 -6.76 1.98 12.25
N ASN B 82 -7.98 1.54 12.49
CA ASN B 82 -9.17 2.21 11.97
C ASN B 82 -9.87 3.01 13.06
N GLN B 83 -9.14 3.27 14.14
CA GLN B 83 -9.57 4.07 15.30
C GLN B 83 -10.62 3.37 16.15
N GLU B 84 -11.01 2.17 15.77
CA GLU B 84 -11.85 1.35 16.64
C GLU B 84 -11.03 0.84 17.82
N ASP B 85 -11.71 0.48 18.90
CA ASP B 85 -11.02 0.08 20.12
C ASP B 85 -10.24 -1.22 19.94
N PHE B 86 -9.08 -1.29 20.60
CA PHE B 86 -8.29 -2.51 20.64
C PHE B 86 -8.58 -3.30 21.91
N HIS B 87 -9.01 -4.54 21.74
CA HIS B 87 -9.33 -5.40 22.86
C HIS B 87 -8.07 -6.11 23.35
N ALA B 88 -7.66 -5.80 24.58
CA ALA B 88 -6.45 -6.40 25.13
C ALA B 88 -6.62 -7.90 25.31
N GLY B 89 -5.59 -8.67 24.98
CA GLY B 89 -5.65 -10.11 25.09
C GLY B 89 -6.26 -10.79 23.87
N SER B 90 -6.86 -10.01 22.99
CA SER B 90 -7.50 -10.55 21.78
C SER B 90 -6.49 -10.95 20.70
N ALA B 91 -5.31 -10.34 20.73
CA ALA B 91 -4.32 -10.52 19.68
C ALA B 91 -2.93 -10.16 20.18
N PRO B 92 -1.87 -10.57 19.45
CA PRO B 92 -0.52 -10.19 19.85
C PRO B 92 -0.32 -8.69 19.87
N ALA B 93 -1.03 -8.01 18.98
CA ALA B 93 -0.95 -6.56 18.84
C ALA B 93 -2.13 -6.10 18.00
N PRO B 94 -2.38 -4.77 17.95
CA PRO B 94 -3.40 -4.33 16.99
C PRO B 94 -2.98 -4.68 15.57
N PHE B 95 -3.95 -4.88 14.68
CA PHE B 95 -3.67 -5.32 13.31
C PHE B 95 -2.73 -4.37 12.59
N GLY B 96 -1.75 -4.93 11.88
CA GLY B 96 -0.80 -4.15 11.12
C GLY B 96 0.42 -3.70 11.89
N PHE B 97 0.39 -3.88 13.21
CA PHE B 97 1.53 -3.54 14.05
C PHE B 97 2.76 -4.34 13.65
N PRO B 98 3.93 -3.67 13.56
CA PRO B 98 5.17 -4.30 13.12
C PRO B 98 5.57 -5.52 13.95
N ASP B 99 6.12 -6.54 13.30
CA ASP B 99 6.54 -7.76 13.99
C ASP B 99 8.05 -7.90 14.00
N PHE B 100 8.74 -6.79 14.24
CA PHE B 100 10.19 -6.79 14.25
C PHE B 100 10.74 -6.73 15.67
N SER B 101 11.98 -7.18 15.85
CA SER B 101 12.57 -7.27 17.18
C SER B 101 14.03 -6.83 17.19
N ASP B 102 14.66 -6.94 18.36
CA ASP B 102 16.08 -6.67 18.53
C ASP B 102 16.45 -5.28 18.03
N CYS B 103 15.59 -4.31 18.32
CA CYS B 103 15.76 -2.95 17.85
C CYS B 103 14.80 -1.99 18.53
N SER B 104 14.90 -0.71 18.17
CA SER B 104 13.89 0.27 18.50
C SER B 104 13.13 0.62 17.22
N LEU B 105 11.85 0.96 17.36
CA LEU B 105 11.03 1.33 16.20
C LEU B 105 10.75 2.82 16.19
N THR B 106 11.21 3.50 15.15
CA THR B 106 10.95 4.93 14.99
C THR B 106 9.77 5.15 14.05
N PHE B 107 8.72 5.77 14.57
CA PHE B 107 7.52 6.05 13.80
C PHE B 107 7.39 7.51 13.46
N VAL B 108 6.87 7.80 12.27
CA VAL B 108 6.35 9.13 11.98
C VAL B 108 5.00 9.22 12.66
N VAL B 109 4.77 10.29 13.42
CA VAL B 109 3.54 10.41 14.19
C VAL B 109 2.80 11.68 13.80
N ALA B 110 1.51 11.53 13.47
CA ALA B 110 0.71 12.67 13.02
C ALA B 110 -0.63 12.75 13.72
N SER B 111 -0.87 13.87 14.38
CA SER B 111 -2.17 14.15 14.96
C SER B 111 -2.76 15.39 14.29
N ALA B 112 -3.91 15.83 14.77
CA ALA B 112 -4.56 17.03 14.25
C ALA B 112 -3.70 18.28 14.45
N THR B 113 -2.81 18.23 15.44
CA THR B 113 -2.02 19.41 15.80
C THR B 113 -0.52 19.27 15.58
N THR B 114 -0.03 18.05 15.38
CA THR B 114 1.41 17.86 15.26
C THR B 114 1.82 16.74 14.30
N VAL B 115 2.97 16.92 13.67
CA VAL B 115 3.63 15.85 12.95
C VAL B 115 5.09 15.74 13.39
N GLY B 116 5.52 14.54 13.78
CA GLY B 116 6.88 14.34 14.23
C GLY B 116 7.26 12.86 14.31
N GLU B 117 8.29 12.57 15.09
CA GLU B 117 8.74 11.19 15.27
C GLU B 117 8.74 10.77 16.73
N ARG B 118 8.32 9.53 16.96
CA ARG B 118 8.39 8.89 18.27
C ARG B 118 9.03 7.52 18.12
N THR B 119 9.70 7.05 19.18
CA THR B 119 10.42 5.79 19.12
C THR B 119 10.03 4.87 20.26
N VAL B 120 9.77 3.61 19.95
CA VAL B 120 9.51 2.60 20.97
C VAL B 120 10.61 1.54 20.99
N ASN B 121 11.11 1.25 22.18
CA ASN B 121 12.16 0.26 22.36
C ASN B 121 11.58 -1.15 22.46
N ALA B 122 11.72 -1.92 21.39
CA ALA B 122 11.17 -3.28 21.35
C ALA B 122 11.98 -4.24 22.21
N ARG B 123 13.14 -3.79 22.68
CA ARG B 123 13.97 -4.61 23.56
C ARG B 123 13.53 -4.46 25.00
N SER B 124 12.64 -3.50 25.26
CA SER B 124 12.20 -3.23 26.61
C SER B 124 10.89 -3.95 26.96
N PRO B 125 10.96 -4.88 27.92
CA PRO B 125 9.77 -5.57 28.43
C PRO B 125 8.79 -4.60 29.08
N GLN B 126 9.34 -3.52 29.62
CA GLN B 126 8.54 -2.51 30.29
C GLN B 126 7.77 -1.63 29.32
N ASN B 127 8.42 -1.26 28.21
CA ASN B 127 7.85 -0.32 27.25
C ASN B 127 7.09 -0.99 26.10
N PHE B 128 7.54 -2.18 25.71
CA PHE B 128 6.94 -2.88 24.58
C PHE B 128 5.95 -3.96 25.01
N THR B 129 4.71 -3.56 25.25
CA THR B 129 3.66 -4.48 25.69
C THR B 129 2.38 -4.33 24.87
N PRO B 130 2.47 -4.50 23.54
CA PRO B 130 1.31 -4.22 22.68
C PRO B 130 0.11 -5.12 22.94
N ALA B 131 0.34 -6.36 23.37
CA ALA B 131 -0.75 -7.29 23.65
C ALA B 131 -1.63 -6.81 24.80
N LEU B 132 -1.08 -5.96 25.65
CA LEU B 132 -1.85 -5.39 26.76
C LEU B 132 -2.56 -4.11 26.31
N GLY B 133 -2.28 -3.69 25.09
CA GLY B 133 -2.96 -2.55 24.50
C GLY B 133 -2.31 -1.19 24.74
N HIS B 134 -1.07 -1.19 25.21
CA HIS B 134 -0.32 0.06 25.32
C HIS B 134 1.19 -0.12 25.25
N ILE B 135 1.87 0.90 24.73
CA ILE B 135 3.32 0.93 24.68
C ILE B 135 3.86 2.25 25.23
N THR B 136 5.15 2.28 25.54
CA THR B 136 5.78 3.49 26.07
C THR B 136 6.87 4.00 25.13
N PHE B 137 6.67 5.19 24.58
CA PHE B 137 7.66 5.82 23.72
C PHE B 137 8.91 6.18 24.52
N ASP B 138 10.03 6.37 23.82
CA ASP B 138 11.25 6.88 24.42
C ASP B 138 11.05 8.34 24.86
N GLU B 139 10.13 9.02 24.19
CA GLU B 139 9.88 10.43 24.43
C GLU B 139 8.44 10.63 24.86
N GLU B 140 8.12 11.83 25.35
CA GLU B 140 6.75 12.17 25.71
C GLU B 140 5.84 12.08 24.48
N ALA B 141 4.67 11.46 24.66
CA ALA B 141 3.72 11.28 23.59
C ALA B 141 3.07 12.60 23.18
N PRO B 142 2.56 12.66 21.94
CA PRO B 142 1.74 13.81 21.54
C PRO B 142 0.49 13.92 22.40
N ALA B 143 -0.04 15.13 22.54
CA ALA B 143 -1.15 15.39 23.46
C ALA B 143 -2.47 14.77 23.01
N ASP B 144 -2.60 14.51 21.71
CA ASP B 144 -3.89 14.08 21.16
C ASP B 144 -3.77 12.82 20.29
N LEU B 145 -4.93 12.31 19.87
CA LEU B 145 -5.01 11.10 19.05
C LEU B 145 -4.16 11.21 17.79
N PHE B 146 -3.32 10.21 17.55
CA PHE B 146 -2.40 10.26 16.43
C PHE B 146 -2.40 8.96 15.62
N ARG B 147 -1.96 9.06 14.37
CA ARG B 147 -1.69 7.89 13.55
C ARG B 147 -0.19 7.80 13.32
N ALA B 148 0.37 6.61 13.47
CA ALA B 148 1.82 6.44 13.34
C ALA B 148 2.17 5.50 12.19
N HIS B 149 3.22 5.84 11.46
CA HIS B 149 3.76 4.99 10.40
C HIS B 149 5.20 4.61 10.73
N LEU B 150 5.55 3.35 10.57
CA LEU B 150 6.93 2.93 10.75
C LEU B 150 7.80 3.65 9.72
N ARG B 151 8.88 4.27 10.18
CA ARG B 151 9.72 5.06 9.30
C ARG B 151 11.09 4.39 9.15
N ASN B 152 11.69 3.97 10.26
CA ASN B 152 12.97 3.27 10.21
C ASN B 152 13.21 2.46 11.49
N LEU B 153 14.23 1.61 11.44
CA LEU B 153 14.67 0.89 12.63
C LEU B 153 15.85 1.58 13.28
N TRP B 154 15.88 1.60 14.60
CA TRP B 154 17.01 2.15 15.33
C TRP B 154 17.76 1.04 16.07
N ASP B 155 19.07 1.03 15.91
CA ASP B 155 19.95 0.03 16.53
C ASP B 155 19.46 -1.41 16.33
N PRO B 156 19.26 -1.84 15.06
CA PRO B 156 18.80 -3.22 14.88
C PRO B 156 19.95 -4.23 14.83
N THR B 157 19.61 -5.50 14.67
CA THR B 157 20.61 -6.55 14.46
C THR B 157 20.24 -7.36 13.22
N GLU B 158 21.05 -8.36 12.92
CA GLU B 158 20.79 -9.24 11.78
C GLU B 158 19.53 -10.08 12.00
N HIS B 159 19.11 -10.19 13.27
CA HIS B 159 17.97 -11.01 13.63
C HIS B 159 16.65 -10.24 13.60
N SER B 160 16.73 -8.93 13.42
CA SER B 160 15.57 -8.03 13.58
C SER B 160 14.36 -8.40 12.73
N PHE B 161 14.59 -8.81 11.48
CA PHE B 161 13.51 -9.11 10.55
C PHE B 161 13.14 -10.59 10.53
N TRP B 162 13.83 -11.38 11.34
CA TRP B 162 13.63 -12.83 11.33
C TRP B 162 12.96 -13.33 12.60
N ARG B 163 13.16 -12.60 13.69
CA ARG B 163 12.57 -12.98 14.98
C ARG B 163 11.51 -11.98 15.40
N ILE B 164 10.33 -12.48 15.73
CA ILE B 164 9.25 -11.62 16.23
C ILE B 164 9.56 -11.19 17.66
N PRO B 165 9.11 -10.00 18.05
CA PRO B 165 9.41 -9.49 19.40
C PRO B 165 8.60 -10.19 20.48
N ASP B 166 8.90 -9.86 21.74
CA ASP B 166 8.08 -10.32 22.84
C ASP B 166 6.87 -9.40 22.98
N TYR B 167 5.73 -9.88 22.53
CA TYR B 167 4.50 -9.10 22.57
C TYR B 167 3.90 -9.00 23.97
N ARG B 168 4.54 -9.64 24.95
CA ARG B 168 3.93 -9.85 26.26
C ARG B 168 2.68 -10.70 26.01
N ALA B 169 2.90 -11.83 25.35
CA ALA B 169 1.84 -12.81 25.08
C ALA B 169 2.44 -14.17 24.67
N ASP B 170 1.74 -15.25 25.04
CA ASP B 170 2.20 -16.60 24.72
C ASP B 170 2.10 -16.85 23.21
N VAL B 171 3.24 -17.12 22.58
CA VAL B 171 3.30 -17.24 21.12
C VAL B 171 2.64 -18.51 20.58
N LEU B 172 2.25 -19.42 21.47
CA LEU B 172 1.55 -20.62 21.05
C LEU B 172 0.03 -20.47 21.11
N GLY B 173 -0.41 -19.28 21.52
CA GLY B 173 -1.84 -18.98 21.56
C GLY B 173 -2.46 -19.00 20.18
N SER B 174 -3.76 -19.26 20.12
CA SER B 174 -4.47 -19.37 18.85
C SER B 174 -4.54 -18.04 18.11
N GLU B 175 -4.29 -16.95 18.81
CA GLU B 175 -4.34 -15.62 18.21
C GLU B 175 -3.07 -15.32 17.40
N PHE B 176 -2.06 -16.14 17.60
CA PHE B 176 -0.81 -16.01 16.86
C PHE B 176 -0.85 -16.76 15.53
N ALA B 177 -0.25 -16.17 14.51
CA ALA B 177 0.06 -16.91 13.29
C ALA B 177 1.09 -17.99 13.63
N PRO B 178 0.83 -19.24 13.24
CA PRO B 178 1.72 -20.34 13.59
C PRO B 178 3.05 -20.31 12.84
N SER B 179 4.06 -20.96 13.41
CA SER B 179 5.37 -21.07 12.76
C SER B 179 5.27 -21.72 11.38
N VAL B 180 6.18 -21.34 10.49
CA VAL B 180 6.19 -21.87 9.13
C VAL B 180 7.57 -22.39 8.76
N SER B 181 7.61 -23.58 8.17
CA SER B 181 8.86 -24.16 7.67
C SER B 181 8.57 -24.97 6.41
N ALA B 182 9.59 -25.17 5.58
CA ALA B 182 9.43 -25.96 4.37
C ALA B 182 9.27 -27.43 4.72
N PRO B 183 8.07 -27.98 4.48
CA PRO B 183 7.74 -29.35 4.86
C PRO B 183 8.35 -30.41 3.94
N GLY B 184 8.38 -30.13 2.65
CA GLY B 184 8.89 -31.09 1.67
C GLY B 184 10.38 -31.37 1.84
N VAL B 185 10.78 -32.57 1.49
CA VAL B 185 12.18 -32.99 1.61
C VAL B 185 13.11 -32.20 0.69
N GLY B 186 14.11 -31.55 1.28
CA GLY B 186 15.08 -30.79 0.53
C GLY B 186 14.62 -29.39 0.17
N GLU B 187 13.36 -29.09 0.46
CA GLU B 187 12.76 -27.81 0.12
C GLU B 187 13.17 -26.69 1.08
N THR B 188 13.22 -25.46 0.56
CA THR B 188 13.45 -24.29 1.37
C THR B 188 12.41 -23.21 1.06
N LEU B 189 12.06 -22.41 2.06
CA LEU B 189 11.09 -21.34 1.89
C LEU B 189 11.57 -20.26 0.90
N LEU B 190 10.68 -19.84 0.01
CA LEU B 190 10.95 -18.72 -0.88
C LEU B 190 10.52 -17.41 -0.23
N PHE B 191 11.43 -16.46 -0.13
CA PHE B 191 11.14 -15.18 0.52
C PHE B 191 11.12 -14.01 -0.44
N PHE B 192 10.18 -13.10 -0.23
CA PHE B 192 10.15 -11.83 -0.94
C PHE B 192 10.88 -10.78 -0.10
N MET B 193 11.79 -10.05 -0.74
CA MET B 193 12.71 -9.19 -0.01
C MET B 193 12.58 -7.72 -0.38
N CYS B 194 12.88 -6.86 0.58
CA CYS B 194 13.08 -5.44 0.35
C CYS B 194 14.04 -4.91 1.41
N ASN B 195 14.51 -3.67 1.22
CA ASN B 195 15.34 -3.04 2.23
C ASN B 195 14.56 -2.02 3.04
N VAL B 196 14.90 -1.93 4.32
CA VAL B 196 14.21 -1.02 5.24
C VAL B 196 15.22 -0.02 5.80
N PRO B 197 14.84 1.27 5.85
CA PRO B 197 15.72 2.28 6.42
C PRO B 197 16.09 1.97 7.86
N ARG B 198 17.35 2.20 8.23
CA ARG B 198 17.81 1.95 9.59
C ARG B 198 18.96 2.87 10.00
N LEU B 199 19.04 3.13 11.30
CA LEU B 199 20.13 3.94 11.86
C LEU B 199 20.87 3.18 12.96
N ASN B 200 22.20 3.20 12.87
CA ASN B 200 23.07 2.53 13.83
C ASN B 200 22.85 1.03 13.90
N GLY B 201 23.40 0.40 14.94
CA GLY B 201 23.36 -1.04 15.09
C GLY B 201 24.04 -1.76 13.93
N ALA B 202 23.55 -2.97 13.63
CA ALA B 202 24.08 -3.76 12.53
C ALA B 202 23.01 -3.91 11.45
N ASN B 203 23.44 -4.23 10.23
CA ASN B 203 22.53 -4.30 9.09
C ASN B 203 21.50 -5.41 9.22
N PRO B 204 20.21 -5.04 9.28
CA PRO B 204 19.11 -5.99 9.38
C PRO B 204 18.63 -6.53 8.04
N ASN B 205 18.94 -5.79 6.97
CA ASN B 205 18.43 -6.10 5.64
C ASN B 205 19.07 -7.34 5.03
N PRO B 206 18.34 -8.05 4.15
CA PRO B 206 16.99 -7.73 3.66
C PRO B 206 15.86 -8.11 4.61
N CYS B 207 14.67 -7.56 4.37
CA CYS B 207 13.49 -7.92 5.14
C CYS B 207 12.65 -8.93 4.35
N PRO B 208 12.44 -10.12 4.92
CA PRO B 208 11.69 -11.18 4.25
C PRO B 208 10.19 -11.15 4.54
N CYS B 209 9.39 -11.68 3.62
CA CYS B 209 7.99 -11.98 3.87
C CYS B 209 7.57 -13.18 3.02
N LEU B 210 6.51 -13.87 3.43
CA LEU B 210 6.11 -15.11 2.78
C LEU B 210 5.28 -14.87 1.51
N LEU B 211 4.45 -13.84 1.54
CA LEU B 211 3.52 -13.59 0.45
C LEU B 211 3.52 -12.11 0.06
N PRO B 212 3.32 -11.83 -1.24
CA PRO B 212 3.08 -10.45 -1.66
C PRO B 212 1.72 -9.97 -1.17
N GLN B 213 1.60 -8.68 -0.86
CA GLN B 213 0.33 -8.11 -0.39
C GLN B 213 -0.80 -8.37 -1.38
N GLU B 214 -0.51 -8.23 -2.67
CA GLU B 214 -1.51 -8.41 -3.72
C GLU B 214 -2.08 -9.84 -3.74
N TRP B 215 -1.22 -10.82 -3.43
CA TRP B 215 -1.66 -12.20 -3.36
C TRP B 215 -2.62 -12.41 -2.19
N ILE B 216 -2.26 -11.86 -1.04
CA ILE B 216 -3.09 -11.94 0.16
C ILE B 216 -4.46 -11.32 -0.10
N THR B 217 -4.45 -10.13 -0.69
CA THR B 217 -5.68 -9.42 -1.02
C THR B 217 -6.54 -10.21 -1.98
N HIS B 218 -5.91 -10.82 -2.95
CA HIS B 218 -6.54 -11.65 -3.92
C HIS B 218 -7.20 -12.87 -3.27
N PHE B 219 -6.49 -13.49 -2.38
CA PHE B 219 -6.98 -14.68 -1.67
C PHE B 219 -8.23 -14.37 -0.87
N VAL B 220 -8.24 -13.22 -0.20
CA VAL B 220 -9.38 -12.80 0.60
C VAL B 220 -10.59 -12.51 -0.30
N SER B 221 -10.32 -11.86 -1.44
CA SER B 221 -11.37 -11.54 -2.40
C SER B 221 -11.99 -12.79 -3.03
N GLU B 222 -11.13 -13.70 -3.48
CA GLU B 222 -11.60 -14.88 -4.20
C GLU B 222 -12.23 -15.93 -3.29
N ARG B 223 -11.59 -16.18 -2.15
CA ARG B 223 -12.01 -17.25 -1.24
C ARG B 223 -12.13 -18.57 -1.98
N ALA B 224 -11.13 -18.85 -2.80
CA ALA B 224 -11.16 -20.02 -3.68
C ALA B 224 -11.17 -21.30 -2.87
N ALA B 225 -11.81 -22.33 -3.43
CA ALA B 225 -11.77 -23.65 -2.85
C ALA B 225 -10.47 -24.32 -3.24
N LEU B 226 -9.83 -24.99 -2.29
CA LEU B 226 -8.60 -25.69 -2.61
C LEU B 226 -8.92 -27.14 -2.93
N GLN B 227 -8.40 -27.61 -4.04
CA GLN B 227 -8.60 -28.99 -4.46
C GLN B 227 -7.45 -29.85 -3.94
N SER B 228 -6.48 -29.19 -3.33
CA SER B 228 -5.32 -29.86 -2.75
C SER B 228 -4.61 -28.99 -1.72
N ASP B 229 -3.70 -29.60 -0.97
CA ASP B 229 -2.94 -28.89 0.04
C ASP B 229 -1.85 -28.03 -0.60
N VAL B 230 -1.51 -28.35 -1.85
CA VAL B 230 -0.41 -27.69 -2.54
C VAL B 230 -0.75 -27.27 -3.96
N ALA B 231 -0.56 -25.99 -4.27
CA ALA B 231 -0.69 -25.49 -5.63
C ALA B 231 0.68 -25.43 -6.30
N LEU B 232 0.79 -26.04 -7.48
CA LEU B 232 2.03 -25.98 -8.25
C LEU B 232 2.09 -24.70 -9.09
N LEU B 233 3.22 -24.01 -9.05
CA LEU B 233 3.38 -22.76 -9.77
C LEU B 233 4.59 -22.76 -10.69
N ASN B 234 4.45 -22.10 -11.84
CA ASN B 234 5.57 -21.80 -12.72
C ASN B 234 5.93 -20.33 -12.69
N TYR B 235 7.19 -20.03 -12.46
CA TYR B 235 7.67 -18.65 -12.59
C TYR B 235 8.04 -18.40 -14.04
N VAL B 236 7.29 -17.53 -14.70
CA VAL B 236 7.34 -17.42 -16.16
C VAL B 236 7.78 -16.04 -16.64
N ASN B 237 8.57 -16.03 -17.72
CA ASN B 237 8.94 -14.81 -18.42
C ASN B 237 7.74 -14.28 -19.20
N PRO B 238 7.23 -13.10 -18.83
CA PRO B 238 6.01 -12.54 -19.42
C PRO B 238 6.15 -12.27 -20.92
N ASN B 239 7.37 -11.98 -21.36
CA ASN B 239 7.61 -11.70 -22.77
C ASN B 239 7.63 -12.95 -23.63
N THR B 240 8.24 -14.02 -23.13
CA THR B 240 8.45 -15.23 -23.92
C THR B 240 7.54 -16.38 -23.51
N GLY B 241 7.09 -16.36 -22.26
CA GLY B 241 6.24 -17.43 -21.76
C GLY B 241 7.05 -18.61 -21.23
N ARG B 242 8.36 -18.47 -21.27
CA ARG B 242 9.25 -19.57 -20.86
C ARG B 242 9.38 -19.65 -19.35
N VAL B 243 9.47 -20.88 -18.84
CA VAL B 243 9.56 -21.13 -17.41
C VAL B 243 10.99 -21.00 -16.89
N LEU B 244 11.18 -20.19 -15.85
CA LEU B 244 12.49 -20.04 -15.24
C LEU B 244 12.69 -21.07 -14.13
N PHE B 245 11.63 -21.32 -13.37
CA PHE B 245 11.64 -22.37 -12.35
C PHE B 245 10.22 -22.64 -11.88
N GLU B 246 10.04 -23.74 -11.17
CA GLU B 246 8.74 -24.06 -10.57
C GLU B 246 8.82 -24.00 -9.05
N ALA B 247 7.69 -23.70 -8.42
CA ALA B 247 7.61 -23.64 -6.97
C ALA B 247 6.27 -24.18 -6.50
N LYS B 248 6.21 -24.61 -5.25
CA LYS B 248 4.96 -25.08 -4.67
C LYS B 248 4.39 -24.08 -3.67
N LEU B 249 3.10 -23.81 -3.81
CA LEU B 249 2.42 -22.88 -2.93
C LEU B 249 1.50 -23.63 -1.96
N TYR B 250 1.93 -23.73 -0.71
CA TYR B 250 1.21 -24.50 0.29
C TYR B 250 -0.02 -23.78 0.79
N ALA B 251 -1.01 -24.56 1.24
CA ALA B 251 -2.33 -24.04 1.58
C ALA B 251 -2.29 -22.98 2.69
N ASN B 252 -1.30 -23.08 3.57
CA ASN B 252 -1.26 -22.18 4.72
C ASN B 252 -0.53 -20.88 4.42
N GLY B 253 -0.18 -20.66 3.16
CA GLY B 253 0.29 -19.36 2.70
C GLY B 253 1.78 -19.14 2.70
N PHE B 254 2.51 -20.00 2.00
CA PHE B 254 3.94 -19.80 1.78
C PHE B 254 4.43 -20.57 0.56
N LEU B 255 5.56 -20.14 0.01
CA LEU B 255 6.14 -20.80 -1.16
C LEU B 255 7.42 -21.51 -0.78
N THR B 256 7.67 -22.66 -1.41
CA THR B 256 8.94 -23.35 -1.26
C THR B 256 9.53 -23.65 -2.63
N VAL B 257 10.85 -23.80 -2.67
CA VAL B 257 11.53 -24.21 -3.90
C VAL B 257 12.54 -25.31 -3.61
N ASN B 258 13.01 -25.96 -4.67
CA ASN B 258 14.08 -26.94 -4.57
C ASN B 258 15.40 -26.32 -5.02
N LEU B 259 16.30 -26.07 -4.07
CA LEU B 259 17.59 -25.50 -4.39
C LEU B 259 18.52 -26.57 -4.96
N GLY B 260 18.11 -27.83 -4.84
CA GLY B 260 18.91 -28.95 -5.32
C GLY B 260 20.27 -29.01 -4.67
N ALA B 261 21.31 -29.04 -5.50
CA ALA B 261 22.69 -29.11 -5.02
C ALA B 261 23.13 -27.77 -4.43
N SER B 262 22.41 -26.71 -4.76
CA SER B 262 22.76 -25.37 -4.30
C SER B 262 22.34 -25.13 -2.85
N ASP B 263 22.98 -24.16 -2.22
CA ASP B 263 22.64 -23.75 -0.87
C ASP B 263 21.91 -22.41 -0.83
N GLN B 264 21.81 -21.76 -1.98
CA GLN B 264 21.28 -20.40 -2.06
C GLN B 264 20.77 -20.07 -3.46
N ALA B 265 19.80 -19.16 -3.54
CA ALA B 265 19.36 -18.66 -4.84
C ALA B 265 18.76 -17.26 -4.72
N THR B 266 19.23 -16.37 -5.58
CA THR B 266 18.64 -15.04 -5.73
C THR B 266 17.94 -14.98 -7.08
N LEU B 267 16.62 -14.85 -7.06
CA LEU B 267 15.82 -15.00 -8.27
C LEU B 267 15.36 -13.66 -8.85
N PRO B 268 15.31 -13.58 -10.19
CA PRO B 268 14.87 -12.36 -10.88
C PRO B 268 13.40 -12.03 -10.55
N VAL B 269 13.07 -10.75 -10.49
CA VAL B 269 11.75 -10.33 -10.05
C VAL B 269 10.90 -9.77 -11.19
N ASP B 270 11.32 -9.97 -12.43
CA ASP B 270 10.59 -9.46 -13.58
C ASP B 270 9.69 -10.52 -14.22
N GLY B 271 9.55 -11.66 -13.54
CA GLY B 271 8.68 -12.73 -14.02
C GLY B 271 7.35 -12.76 -13.32
N ILE B 272 6.46 -13.66 -13.75
CA ILE B 272 5.13 -13.78 -13.16
C ILE B 272 4.82 -15.22 -12.74
N PHE B 273 4.35 -15.38 -11.50
CA PHE B 273 3.92 -16.69 -11.03
C PHE B 273 2.56 -17.08 -11.60
N LYS B 274 2.48 -18.26 -12.19
CA LYS B 274 1.23 -18.75 -12.75
C LYS B 274 0.82 -20.10 -12.16
N PHE B 275 -0.46 -20.22 -11.79
CA PHE B 275 -0.99 -21.48 -11.28
C PHE B 275 -1.00 -22.55 -12.36
N VAL B 276 -0.39 -23.69 -12.06
CA VAL B 276 -0.28 -24.77 -13.02
C VAL B 276 -1.36 -25.80 -12.75
N SER B 277 -1.25 -26.50 -11.63
CA SER B 277 -2.24 -27.49 -11.23
C SER B 277 -2.19 -27.75 -9.72
N TRP B 278 -3.14 -28.54 -9.24
CA TRP B 278 -3.10 -28.99 -7.85
C TRP B 278 -2.30 -30.27 -7.75
N VAL B 279 -1.29 -30.26 -6.89
CA VAL B 279 -0.46 -31.44 -6.67
C VAL B 279 -0.51 -31.83 -5.20
N SER B 280 0.36 -32.74 -4.79
CA SER B 280 0.32 -33.23 -3.42
C SER B 280 1.53 -32.78 -2.62
N PHE B 281 1.47 -33.02 -1.32
CA PHE B 281 2.55 -32.73 -0.38
C PHE B 281 3.90 -33.30 -0.84
N TYR B 282 3.85 -34.43 -1.54
CA TYR B 282 5.04 -35.18 -1.89
C TYR B 282 5.63 -34.84 -3.24
N TYR B 283 4.95 -33.96 -3.98
CA TYR B 283 5.44 -33.54 -5.29
C TYR B 283 6.86 -32.98 -5.17
N GLN B 284 7.75 -33.47 -6.03
CA GLN B 284 9.16 -33.11 -5.95
C GLN B 284 9.51 -32.06 -7.00
N LEU B 285 9.90 -30.88 -6.52
CA LEU B 285 10.19 -29.77 -7.40
C LEU B 285 11.51 -29.97 -8.13
N ARG B 286 11.53 -29.62 -9.41
CA ARG B 286 12.78 -29.53 -10.16
C ARG B 286 13.66 -28.46 -9.52
N PRO B 287 14.96 -28.74 -9.41
CA PRO B 287 15.90 -27.80 -8.77
C PRO B 287 15.96 -26.45 -9.49
N VAL B 288 16.12 -25.38 -8.72
CA VAL B 288 16.18 -24.04 -9.28
C VAL B 288 17.42 -23.86 -10.16
#